data_5KTC
#
_entry.id   5KTC
#
_cell.length_a   76.268
_cell.length_b   76.268
_cell.length_c   73.470
_cell.angle_alpha   90.00
_cell.angle_beta   90.00
_cell.angle_gamma   90.00
#
_symmetry.space_group_name_H-M   'P 41 21 2'
#
loop_
_entity.id
_entity.type
_entity.pdbx_description
1 polymer FdhC
2 non-polymer 1,2-ETHANEDIOL
3 non-polymer '[[(2~{R},3~{S},5~{R})-5-[5-methyl-2,4-bis(oxidanylidene)pyrimidin-1-yl]-3-oxidanyl-oxolan-2-yl]methoxy-oxidanyl-phosphoryl] [(2~{R},3~{R},4~{S},5~{R},6~{R})-6-methyl-3,5-bis(oxidanyl)-4-[[(3~{R})-3-oxidanylbutanoyl]amino]oxan-2-yl] hydrogen phosphate'
4 non-polymer 'COENZYME A'
5 non-polymer 'MAGNESIUM ION'
6 water water
#
_entity_poly.entity_id   1
_entity_poly.type   'polypeptide(L)'
_entity_poly.pdbx_seq_one_letter_code
;MVNFNLKANTTYLRLVEENDAEFICTLRNNDKLNTYISKSTGDIKSQAEWIRNYKNRENNGEEYYFIIFRSDDQSPIGTV
RLYDFHENPKSFCWGSWILNEHKTKYAAVESALLVYEAGFSTLGFEQSHFEVMKGNDKVHSFHLKMGAQKISEDDENIYY
IFPKSKYKENKIQYARFLGKLEHHHHHH
;
_entity_poly.pdbx_strand_id   A
#
# COMPACT_ATOMS: atom_id res chain seq x y z
N VAL A 2 10.02 -13.33 7.78
CA VAL A 2 9.04 -12.34 8.33
C VAL A 2 7.62 -12.86 8.14
N ASN A 3 6.75 -12.55 9.07
CA ASN A 3 5.33 -12.80 8.90
C ASN A 3 4.57 -11.57 9.44
N PHE A 4 3.57 -11.20 8.66
CA PHE A 4 2.83 -9.98 8.86
C PHE A 4 1.49 -10.28 9.50
N ASN A 5 1.04 -9.35 10.29
CA ASN A 5 -0.27 -9.44 10.90
C ASN A 5 -0.93 -8.09 10.73
N LEU A 6 -1.29 -7.79 9.51
CA LEU A 6 -1.79 -6.50 9.13
C LEU A 6 -3.28 -6.51 8.96
N LYS A 7 -3.95 -5.84 9.91
CA LYS A 7 -5.38 -5.68 9.83
C LYS A 7 -5.79 -4.36 10.41
N ALA A 8 -6.77 -3.74 9.80
CA ALA A 8 -7.33 -2.50 10.32
C ALA A 8 -8.78 -2.72 10.56
N ASN A 9 -9.51 -1.64 10.64
CA ASN A 9 -10.94 -1.75 10.93
C ASN A 9 -11.83 -2.46 9.93
N THR A 10 -11.67 -2.13 8.68
CA THR A 10 -12.52 -2.65 7.64
C THR A 10 -11.78 -3.44 6.63
N THR A 11 -10.47 -3.54 6.75
CA THR A 11 -9.63 -4.25 5.76
C THR A 11 -8.53 -5.04 6.43
N TYR A 12 -7.91 -5.95 5.67
CA TYR A 12 -6.75 -6.66 6.09
C TYR A 12 -5.92 -6.99 4.88
N LEU A 13 -4.66 -7.28 5.12
CA LEU A 13 -3.70 -7.57 4.05
C LEU A 13 -3.13 -8.94 4.26
N ARG A 14 -2.82 -9.63 3.17
CA ARG A 14 -2.04 -10.88 3.23
C ARG A 14 -1.15 -11.01 2.04
N LEU A 15 -0.04 -11.73 2.20
CA LEU A 15 0.92 -11.83 1.08
C LEU A 15 0.35 -12.47 -0.18
N VAL A 16 0.76 -11.91 -1.33
CA VAL A 16 0.38 -12.43 -2.66
C VAL A 16 0.85 -13.87 -2.86
N GLU A 17 -0.01 -14.68 -3.48
CA GLU A 17 0.39 -16.06 -3.92
C GLU A 17 0.18 -16.17 -5.44
N GLU A 18 0.78 -17.18 -6.08
CA GLU A 18 0.57 -17.42 -7.54
C GLU A 18 -0.89 -17.48 -7.95
N ASN A 19 -1.70 -18.05 -7.08
CA ASN A 19 -3.11 -18.14 -7.30
C ASN A 19 -3.87 -16.81 -7.34
N ASP A 20 -3.25 -15.68 -6.90
CA ASP A 20 -3.88 -14.34 -7.01
C ASP A 20 -3.72 -13.75 -8.43
N ALA A 21 -3.10 -14.53 -9.34
CA ALA A 21 -2.78 -13.98 -10.65
C ALA A 21 -3.99 -13.47 -11.39
N GLU A 22 -5.07 -14.24 -11.41
CA GLU A 22 -6.24 -13.76 -12.10
C GLU A 22 -6.83 -12.50 -11.50
N PHE A 23 -6.94 -12.43 -10.16
CA PHE A 23 -7.45 -11.22 -9.55
C PHE A 23 -6.59 -9.98 -9.93
N ILE A 24 -5.28 -10.19 -9.91
CA ILE A 24 -4.31 -9.16 -10.22
C ILE A 24 -4.43 -8.74 -11.68
N CYS A 25 -4.42 -9.70 -12.61
CA CYS A 25 -4.57 -9.37 -14.04
C CYS A 25 -5.81 -8.51 -14.25
N THR A 26 -6.92 -8.94 -13.66
CA THR A 26 -8.17 -8.24 -13.85
C THR A 26 -8.15 -6.86 -13.30
N LEU A 27 -7.60 -6.69 -12.10
CA LEU A 27 -7.53 -5.40 -11.47
C LEU A 27 -6.71 -4.42 -12.31
N ARG A 28 -5.49 -4.87 -12.68
CA ARG A 28 -4.49 -4.02 -13.36
C ARG A 28 -4.90 -3.66 -14.81
N ASN A 29 -5.79 -4.47 -15.42
CA ASN A 29 -6.29 -4.23 -16.76
C ASN A 29 -7.67 -3.58 -16.78
N ASN A 30 -8.13 -3.19 -15.61
CA ASN A 30 -9.31 -2.38 -15.47
C ASN A 30 -8.95 -0.96 -15.89
N ASP A 31 -9.51 -0.50 -17.02
CA ASP A 31 -9.22 0.83 -17.52
C ASP A 31 -9.78 1.92 -16.65
N LYS A 32 -10.66 1.64 -15.71
CA LYS A 32 -11.03 2.70 -14.77
C LYS A 32 -9.99 2.91 -13.69
N LEU A 33 -9.13 1.92 -13.48
CA LEU A 33 -8.18 1.96 -12.39
C LEU A 33 -6.77 2.21 -12.80
N ASN A 34 -6.43 1.95 -14.05
CA ASN A 34 -5.07 1.88 -14.43
C ASN A 34 -4.52 3.06 -15.16
N THR A 35 -5.20 4.21 -15.06
CA THR A 35 -4.76 5.45 -15.73
C THR A 35 -3.29 5.77 -15.38
N TYR A 36 -2.90 5.57 -14.12
CA TYR A 36 -1.61 6.09 -13.64
C TYR A 36 -0.67 4.99 -13.08
N ILE A 37 -0.88 3.76 -13.52
CA ILE A 37 0.00 2.68 -13.14
C ILE A 37 0.61 2.10 -14.38
N SER A 38 1.61 1.22 -14.19
CA SER A 38 2.32 0.61 -15.32
C SER A 38 1.46 -0.40 -16.06
N LYS A 39 1.50 -0.39 -17.41
CA LYS A 39 0.91 -1.50 -18.18
C LYS A 39 1.43 -2.82 -17.72
N SER A 40 0.57 -3.81 -17.68
CA SER A 40 1.01 -5.16 -17.39
C SER A 40 0.14 -6.20 -18.06
N THR A 41 0.67 -7.42 -18.12
CA THR A 41 0.01 -8.51 -18.80
C THR A 41 -1.43 -8.74 -18.34
N GLY A 42 -2.30 -9.04 -19.31
CA GLY A 42 -3.62 -9.57 -19.09
C GLY A 42 -3.61 -11.11 -19.17
N ASP A 43 -2.44 -11.72 -19.31
CA ASP A 43 -2.36 -13.16 -19.41
C ASP A 43 -2.09 -13.75 -18.01
N ILE A 44 -3.04 -14.56 -17.55
CA ILE A 44 -2.95 -15.13 -16.16
C ILE A 44 -1.68 -15.85 -15.93
N LYS A 45 -1.26 -16.70 -16.87
CA LYS A 45 0.02 -17.44 -16.67
C LYS A 45 1.25 -16.54 -16.60
N SER A 46 1.25 -15.49 -17.40
CA SER A 46 2.32 -14.51 -17.33
C SER A 46 2.32 -13.83 -15.99
N GLN A 47 1.15 -13.49 -15.48
CA GLN A 47 1.10 -12.85 -14.16
C GLN A 47 1.55 -13.85 -13.05
N ALA A 48 1.14 -15.12 -13.17
CA ALA A 48 1.59 -16.15 -12.24
C ALA A 48 3.10 -16.19 -12.27
N GLU A 49 3.69 -16.11 -13.48
CA GLU A 49 5.14 -16.11 -13.56
C GLU A 49 5.79 -14.89 -12.85
N TRP A 50 5.24 -13.71 -13.08
CA TRP A 50 5.66 -12.47 -12.38
C TRP A 50 5.64 -12.72 -10.86
N ILE A 51 4.59 -13.36 -10.39
CA ILE A 51 4.47 -13.62 -8.92
C ILE A 51 5.53 -14.62 -8.42
N ARG A 52 5.84 -15.62 -9.25
CA ARG A 52 6.85 -16.63 -8.88
C ARG A 52 8.22 -15.99 -8.65
N ASN A 53 8.65 -15.11 -9.56
CA ASN A 53 9.85 -14.30 -9.43
C ASN A 53 9.79 -13.38 -8.23
N TYR A 54 8.62 -12.79 -8.07
CA TYR A 54 8.34 -11.95 -6.91
C TYR A 54 8.58 -12.78 -5.60
N LYS A 55 8.12 -14.02 -5.59
CA LYS A 55 8.26 -14.88 -4.41
C LYS A 55 9.71 -15.16 -3.99
N ASN A 56 10.61 -15.22 -4.98
CA ASN A 56 12.03 -15.33 -4.70
C ASN A 56 12.55 -14.11 -4.01
N ARG A 57 12.12 -12.94 -4.50
CA ARG A 57 12.48 -11.67 -3.89
C ARG A 57 11.95 -11.60 -2.44
N GLU A 58 10.73 -12.10 -2.26
CA GLU A 58 10.09 -12.12 -0.93
C GLU A 58 10.89 -13.05 0.01
N ASN A 59 11.22 -14.23 -0.49
CA ASN A 59 12.03 -15.21 0.27
C ASN A 59 13.34 -14.62 0.76
N ASN A 60 13.90 -13.69 0.00
CA ASN A 60 15.15 -13.06 0.39
C ASN A 60 14.99 -11.75 1.08
N GLY A 61 13.81 -11.42 1.57
CA GLY A 61 13.62 -10.15 2.29
C GLY A 61 13.68 -8.87 1.45
N GLU A 62 13.48 -8.98 0.14
CA GLU A 62 13.66 -7.85 -0.77
C GLU A 62 12.37 -7.15 -1.23
N GLU A 63 11.21 -7.74 -0.92
CA GLU A 63 9.94 -7.26 -1.51
C GLU A 63 8.78 -7.97 -0.84
N TYR A 64 7.72 -7.22 -0.51
CA TYR A 64 6.52 -7.75 0.08
C TYR A 64 5.32 -7.17 -0.62
N TYR A 65 4.50 -8.04 -1.16
CA TYR A 65 3.38 -7.68 -2.04
C TYR A 65 2.13 -8.30 -1.45
N PHE A 66 1.09 -7.50 -1.28
CA PHE A 66 -0.13 -7.88 -0.57
C PHE A 66 -1.40 -7.72 -1.38
N ILE A 67 -2.33 -8.64 -1.18
CA ILE A 67 -3.72 -8.44 -1.55
C ILE A 67 -4.39 -7.73 -0.35
N ILE A 68 -5.20 -6.74 -0.68
CA ILE A 68 -6.01 -6.01 0.26
C ILE A 68 -7.39 -6.66 0.23
N PHE A 69 -7.95 -6.98 1.40
CA PHE A 69 -9.24 -7.65 1.53
C PHE A 69 -10.19 -6.78 2.34
N ARG A 70 -11.48 -6.85 2.04
CA ARG A 70 -12.48 -6.33 2.96
C ARG A 70 -12.87 -7.39 4.01
N SER A 71 -12.80 -6.97 5.27
CA SER A 71 -13.01 -7.81 6.43
C SER A 71 -14.40 -8.40 6.56
N ASP A 72 -15.44 -7.69 6.13
CA ASP A 72 -16.83 -8.07 6.40
C ASP A 72 -17.23 -9.34 5.61
N ASP A 73 -16.71 -9.46 4.37
CA ASP A 73 -16.97 -10.63 3.52
C ASP A 73 -15.75 -11.37 2.98
N GLN A 74 -14.58 -10.99 3.44
CA GLN A 74 -13.34 -11.64 3.03
C GLN A 74 -13.21 -11.72 1.49
N SER A 75 -13.49 -10.60 0.84
CA SER A 75 -13.40 -10.50 -0.58
C SER A 75 -12.25 -9.54 -0.94
N PRO A 76 -11.55 -9.80 -2.06
CA PRO A 76 -10.38 -9.02 -2.42
C PRO A 76 -10.77 -7.72 -3.05
N ILE A 77 -10.15 -6.63 -2.60
CA ILE A 77 -10.48 -5.29 -3.08
C ILE A 77 -9.26 -4.53 -3.63
N GLY A 78 -8.05 -5.11 -3.59
CA GLY A 78 -6.92 -4.44 -4.20
C GLY A 78 -5.55 -4.99 -3.90
N THR A 79 -4.53 -4.16 -4.18
CA THR A 79 -3.18 -4.56 -4.04
C THR A 79 -2.36 -3.47 -3.40
N VAL A 80 -1.23 -3.88 -2.81
CA VAL A 80 -0.24 -2.87 -2.42
C VAL A 80 1.09 -3.53 -2.23
N ARG A 81 2.15 -2.79 -2.44
CA ARG A 81 3.53 -3.41 -2.43
C ARG A 81 4.57 -2.53 -1.79
N LEU A 82 5.49 -3.17 -1.04
CA LEU A 82 6.72 -2.60 -0.56
C LEU A 82 7.89 -3.22 -1.29
N TYR A 83 8.77 -2.37 -1.80
CA TYR A 83 9.79 -2.84 -2.76
C TYR A 83 10.97 -1.83 -2.78
N ASP A 84 12.08 -2.27 -3.40
CA ASP A 84 13.21 -1.42 -3.73
C ASP A 84 13.82 -0.78 -2.51
N PHE A 85 14.39 -1.63 -1.67
CA PHE A 85 14.95 -1.30 -0.37
C PHE A 85 16.39 -0.78 -0.44
N HIS A 86 16.73 0.26 0.29
CA HIS A 86 18.10 0.86 0.30
C HIS A 86 18.56 1.27 1.71
N GLU A 87 19.79 1.84 1.83
CA GLU A 87 20.43 2.15 3.13
C GLU A 87 20.99 3.58 3.32
N ASN A 88 21.23 3.93 4.58
CA ASN A 88 21.84 5.22 4.90
C ASN A 88 21.10 6.48 4.35
N PRO A 89 19.82 6.71 4.70
CA PRO A 89 19.10 5.95 5.72
C PRO A 89 18.36 4.69 5.12
N LYS A 90 17.83 3.87 6.02
CA LYS A 90 17.22 2.65 5.60
C LYS A 90 15.86 3.04 4.95
N SER A 91 15.68 2.75 3.66
CA SER A 91 14.49 3.24 2.94
C SER A 91 13.78 2.16 2.19
N PHE A 92 12.45 2.27 2.13
CA PHE A 92 11.66 1.35 1.29
C PHE A 92 10.80 2.19 0.37
N CYS A 93 10.53 1.67 -0.82
CA CYS A 93 9.48 2.22 -1.67
C CYS A 93 8.13 1.48 -1.44
N TRP A 94 7.04 2.16 -1.74
CA TRP A 94 5.75 1.49 -1.81
C TRP A 94 4.93 2.05 -2.96
N GLY A 95 3.96 1.26 -3.32
CA GLY A 95 3.15 1.55 -4.48
C GLY A 95 2.40 0.32 -4.93
N SER A 96 2.29 0.14 -6.25
CA SER A 96 1.33 -0.81 -6.81
C SER A 96 -0.04 -0.77 -6.10
N TRP A 97 -0.49 0.44 -5.82
CA TRP A 97 -1.52 0.66 -4.81
C TRP A 97 -2.81 0.87 -5.58
N ILE A 98 -3.69 -0.13 -5.49
CA ILE A 98 -4.90 -0.16 -6.29
C ILE A 98 -6.06 -0.66 -5.44
N LEU A 99 -7.18 0.05 -5.51
CA LEU A 99 -8.42 -0.41 -4.84
C LEU A 99 -9.58 -0.40 -5.87
N ASN A 100 -10.40 -1.44 -5.89
CA ASN A 100 -11.47 -1.52 -6.92
C ASN A 100 -12.77 -0.99 -6.33
N GLU A 101 -13.85 -1.04 -7.12
CA GLU A 101 -15.19 -0.59 -6.69
C GLU A 101 -15.73 -1.16 -5.40
N HIS A 102 -15.33 -2.37 -5.06
CA HIS A 102 -15.88 -3.09 -3.88
CA HIS A 102 -15.82 -3.13 -3.93
C HIS A 102 -15.13 -2.73 -2.62
N LYS A 103 -14.19 -1.78 -2.71
CA LYS A 103 -13.44 -1.34 -1.58
C LYS A 103 -14.38 -0.79 -0.50
N THR A 104 -13.97 -0.89 0.74
CA THR A 104 -14.63 -0.17 1.79
C THR A 104 -14.29 1.31 1.66
N LYS A 105 -15.11 2.15 2.28
CA LYS A 105 -15.05 3.61 2.07
C LYS A 105 -13.64 4.18 2.37
N TYR A 106 -13.10 3.74 3.51
CA TYR A 106 -11.85 4.23 4.02
C TYR A 106 -10.70 3.24 3.81
N ALA A 107 -10.87 2.26 2.92
CA ALA A 107 -9.77 1.32 2.62
C ALA A 107 -8.44 2.00 2.28
N ALA A 108 -8.53 3.12 1.57
CA ALA A 108 -7.30 3.84 1.13
C ALA A 108 -6.51 4.29 2.36
N VAL A 109 -7.20 4.87 3.32
CA VAL A 109 -6.55 5.30 4.57
C VAL A 109 -6.00 4.10 5.34
N GLU A 110 -6.81 3.06 5.48
CA GLU A 110 -6.37 1.93 6.30
C GLU A 110 -5.12 1.22 5.70
N SER A 111 -5.20 1.01 4.40
CA SER A 111 -4.11 0.28 3.66
C SER A 111 -2.83 1.09 3.67
N ALA A 112 -2.92 2.41 3.50
CA ALA A 112 -1.72 3.23 3.60
C ALA A 112 -1.05 3.11 5.02
N LEU A 113 -1.90 3.16 6.05
CA LEU A 113 -1.41 3.07 7.39
C LEU A 113 -0.76 1.73 7.65
N LEU A 114 -1.32 0.67 7.08
CA LEU A 114 -0.81 -0.63 7.34
C LEU A 114 0.49 -0.77 6.61
N VAL A 115 0.59 -0.17 5.44
CA VAL A 115 1.94 -0.13 4.74
C VAL A 115 3.00 0.43 5.64
N TYR A 116 2.71 1.59 6.23
CA TYR A 116 3.70 2.22 7.10
C TYR A 116 3.96 1.41 8.37
N GLU A 117 2.96 0.75 8.93
CA GLU A 117 3.13 -0.20 10.07
CA GLU A 117 3.20 -0.19 10.05
C GLU A 117 4.17 -1.28 9.62
N ALA A 118 3.94 -1.84 8.43
CA ALA A 118 4.81 -2.91 7.95
C ALA A 118 6.23 -2.45 7.76
N GLY A 119 6.38 -1.30 7.11
CA GLY A 119 7.68 -0.81 6.75
C GLY A 119 8.45 -0.29 7.93
N PHE A 120 7.84 0.53 8.76
CA PHE A 120 8.56 1.20 9.83
C PHE A 120 8.66 0.33 11.08
N SER A 121 7.57 -0.35 11.47
CA SER A 121 7.70 -1.16 12.66
C SER A 121 8.01 -2.68 12.36
N THR A 122 7.25 -3.36 11.51
CA THR A 122 7.55 -4.79 11.23
C THR A 122 8.93 -4.94 10.56
N LEU A 123 9.34 -4.02 9.70
CA LEU A 123 10.60 -4.17 9.01
C LEU A 123 11.70 -3.24 9.41
N GLY A 124 11.49 -2.30 10.32
CA GLY A 124 12.59 -1.46 10.77
C GLY A 124 13.20 -0.46 9.81
N PHE A 125 12.46 0.03 8.81
CA PHE A 125 13.01 1.10 7.93
C PHE A 125 12.95 2.43 8.63
N GLU A 126 13.66 3.40 8.08
CA GLU A 126 13.61 4.78 8.56
C GLU A 126 12.86 5.76 7.69
N GLN A 127 12.82 5.52 6.39
CA GLN A 127 12.18 6.41 5.41
C GLN A 127 11.41 5.63 4.36
N SER A 128 10.37 6.26 3.78
CA SER A 128 9.63 5.62 2.71
C SER A 128 9.75 6.56 1.52
N HIS A 129 9.96 6.01 0.34
CA HIS A 129 9.96 6.80 -0.90
C HIS A 129 8.85 6.30 -1.80
N PHE A 130 8.19 7.21 -2.52
CA PHE A 130 7.26 6.79 -3.60
C PHE A 130 7.02 7.95 -4.56
N GLU A 131 6.35 7.63 -5.67
CA GLU A 131 6.00 8.65 -6.66
C GLU A 131 4.55 8.51 -7.11
N VAL A 132 4.00 9.60 -7.66
CA VAL A 132 2.62 9.68 -8.09
C VAL A 132 2.60 10.47 -9.39
N MET A 133 1.94 9.96 -10.42
CA MET A 133 1.92 10.68 -11.70
C MET A 133 1.27 12.02 -11.61
N LYS A 134 1.83 13.00 -12.30
CA LYS A 134 1.19 14.29 -12.43
C LYS A 134 -0.15 14.00 -13.13
N GLY A 135 -1.21 14.64 -12.70
CA GLY A 135 -2.57 14.35 -13.16
C GLY A 135 -3.37 13.53 -12.18
N ASN A 136 -2.72 12.75 -11.31
CA ASN A 136 -3.42 11.89 -10.32
C ASN A 136 -3.75 12.64 -9.05
N ASP A 137 -4.61 13.65 -9.25
CA ASP A 137 -4.63 14.82 -8.40
C ASP A 137 -5.07 14.46 -7.00
N LYS A 138 -6.05 13.59 -6.91
CA LYS A 138 -6.56 13.19 -5.64
C LYS A 138 -5.51 12.37 -4.81
N VAL A 139 -4.61 11.69 -5.49
CA VAL A 139 -3.58 10.84 -4.82
C VAL A 139 -2.47 11.75 -4.26
N HIS A 140 -2.11 12.80 -5.01
CA HIS A 140 -1.24 13.84 -4.45
C HIS A 140 -1.84 14.36 -3.18
N SER A 141 -3.13 14.70 -3.24
CA SER A 141 -3.78 15.34 -2.14
C SER A 141 -3.85 14.41 -0.90
N PHE A 142 -4.10 13.13 -1.16
CA PHE A 142 -4.07 12.13 -0.12
C PHE A 142 -2.75 12.08 0.63
N HIS A 143 -1.68 11.88 -0.11
CA HIS A 143 -0.34 11.79 0.48
C HIS A 143 0.10 13.07 1.21
N LEU A 144 -0.18 14.22 0.62
CA LEU A 144 0.12 15.52 1.33
C LEU A 144 -0.66 15.61 2.61
N LYS A 145 -1.92 15.28 2.57
CA LYS A 145 -2.72 15.29 3.77
C LYS A 145 -2.16 14.39 4.87
N MET A 146 -1.77 13.18 4.53
CA MET A 146 -1.24 12.27 5.56
C MET A 146 0.17 12.68 6.05
N GLY A 147 0.88 13.53 5.29
CA GLY A 147 2.19 14.09 5.76
C GLY A 147 3.41 13.77 4.94
N ALA A 148 3.21 13.28 3.74
CA ALA A 148 4.30 13.06 2.79
C ALA A 148 4.93 14.39 2.39
N GLN A 149 6.22 14.40 2.19
CA GLN A 149 6.88 15.60 1.77
C GLN A 149 7.22 15.45 0.28
N LYS A 150 6.69 16.40 -0.45
CA LYS A 150 6.96 16.60 -1.83
C LYS A 150 8.42 17.00 -1.87
N ILE A 151 9.30 16.08 -2.27
CA ILE A 151 10.68 16.39 -2.49
C ILE A 151 10.78 17.18 -3.81
N SER A 152 10.30 16.56 -4.92
CA SER A 152 10.77 16.89 -6.32
C SER A 152 9.96 16.22 -7.42
N GLU A 153 10.58 15.94 -8.60
CA GLU A 153 9.79 15.69 -9.86
C GLU A 153 10.56 15.41 -11.17
N ASP A 154 9.79 15.07 -12.20
CA ASP A 154 10.24 15.01 -13.57
C ASP A 154 9.06 15.26 -14.52
N ASP A 155 9.19 14.91 -15.78
CA ASP A 155 8.05 15.17 -16.75
C ASP A 155 6.73 14.40 -16.37
N GLU A 156 6.89 13.28 -15.68
CA GLU A 156 5.79 12.36 -15.38
C GLU A 156 5.24 12.41 -13.97
N ASN A 157 6.16 12.54 -13.01
CA ASN A 157 5.89 12.28 -11.56
C ASN A 157 6.22 13.40 -10.62
N ILE A 158 5.58 13.35 -9.47
CA ILE A 158 6.05 13.97 -8.28
C ILE A 158 6.58 12.87 -7.35
N TYR A 159 7.76 13.14 -6.76
CA TYR A 159 8.49 12.19 -5.91
C TYR A 159 8.33 12.64 -4.47
N TYR A 160 8.02 11.67 -3.61
CA TYR A 160 7.74 11.97 -2.22
C TYR A 160 8.61 11.13 -1.31
N ILE A 161 8.76 11.61 -0.09
CA ILE A 161 9.20 10.77 1.00
C ILE A 161 8.25 10.91 2.21
N PHE A 162 8.23 9.87 3.02
CA PHE A 162 7.34 9.85 4.21
C PHE A 162 8.22 9.38 5.39
N PRO A 163 8.45 10.25 6.37
CA PRO A 163 9.42 9.89 7.41
C PRO A 163 8.76 9.05 8.51
N LYS A 164 9.56 8.18 9.13
CA LYS A 164 9.13 7.34 10.27
C LYS A 164 8.49 8.20 11.38
N SER A 165 9.07 9.36 11.61
CA SER A 165 8.56 10.34 12.58
C SER A 165 7.11 10.76 12.34
N LYS A 166 6.71 10.89 11.08
CA LYS A 166 5.37 11.25 10.79
C LYS A 166 4.43 10.09 11.02
N TYR A 167 4.89 8.88 10.69
CA TYR A 167 4.10 7.68 10.94
C TYR A 167 3.78 7.54 12.43
N LYS A 168 4.77 7.82 13.28
CA LYS A 168 4.51 7.76 14.73
C LYS A 168 3.45 8.78 15.21
N GLU A 169 3.44 10.01 14.72
CA GLU A 169 2.32 10.90 15.03
C GLU A 169 1.00 10.30 14.49
N ASN A 170 1.02 9.91 13.25
CA ASN A 170 -0.20 9.39 12.67
C ASN A 170 -0.88 8.16 13.38
N LYS A 171 -0.12 7.34 14.10
CA LYS A 171 -0.68 6.23 14.87
C LYS A 171 -1.70 6.73 15.89
N ILE A 172 -1.46 7.88 16.52
CA ILE A 172 -2.40 8.44 17.49
C ILE A 172 -3.60 9.13 16.79
N GLN A 173 -3.30 10.04 15.90
CA GLN A 173 -4.29 10.80 15.17
C GLN A 173 -5.21 9.91 14.34
N TYR A 174 -4.61 8.86 13.76
CA TYR A 174 -5.34 7.95 12.87
C TYR A 174 -5.71 6.60 13.54
N ALA A 175 -5.66 6.55 14.87
CA ALA A 175 -6.00 5.31 15.59
C ALA A 175 -7.38 4.78 15.25
N ARG A 176 -8.35 5.67 15.01
CA ARG A 176 -9.73 5.25 14.70
C ARG A 176 -9.83 4.37 13.42
N PHE A 177 -8.86 4.52 12.51
CA PHE A 177 -8.85 3.74 11.28
C PHE A 177 -8.25 2.34 11.46
N LEU A 178 -7.47 2.15 12.51
CA LEU A 178 -6.69 0.97 12.69
C LEU A 178 -7.36 -0.07 13.58
N GLY A 179 -8.33 0.34 14.39
CA GLY A 179 -8.94 -0.57 15.34
C GLY A 179 -10.02 0.17 16.08
N LYS A 180 -10.68 -0.53 17.01
CA LYS A 180 -11.61 0.13 17.97
C LYS A 180 -10.79 0.86 19.00
N LEU A 181 -11.24 2.05 19.34
CA LEU A 181 -10.57 2.86 20.32
C LEU A 181 -10.67 2.27 21.68
N GLU A 182 -9.57 2.40 22.46
CA GLU A 182 -9.64 1.93 23.86
C GLU A 182 -10.44 2.87 24.76
N HIS A 183 -10.54 4.15 24.38
CA HIS A 183 -11.31 5.14 25.13
C HIS A 183 -11.75 6.12 24.10
N HIS A 184 -12.91 6.76 24.25
CA HIS A 184 -13.33 7.76 23.30
C HIS A 184 -13.34 9.10 23.95
N HIS A 185 -13.07 10.13 23.14
CA HIS A 185 -13.22 11.53 23.56
C HIS A 185 -14.73 11.81 23.72
N HIS A 186 -15.05 12.57 24.78
CA HIS A 186 -16.40 13.05 25.09
C HIS A 186 -16.27 14.52 25.52
N HIS A 187 -17.06 15.40 24.93
CA HIS A 187 -17.16 16.77 25.47
C HIS A 187 -18.42 16.92 26.34
N HIS A 188 -18.27 17.61 27.46
CA HIS A 188 -19.38 17.88 28.37
C HIS A 188 -20.34 18.87 27.80
#